data_4B1M
#
_entry.id   4B1M
#
_cell.length_a   66.897
_cell.length_b   36.909
_cell.length_c   87.355
_cell.angle_alpha   90.00
_cell.angle_beta   90.61
_cell.angle_gamma   90.00
#
_symmetry.space_group_name_H-M   'P 1 21 1'
#
loop_
_entity.id
_entity.type
_entity.pdbx_description
1 polymer LEVANASE
2 branched beta-D-fructofuranose-(2-6)-beta-D-fructofuranose
3 non-polymer 'SODIUM ION'
4 non-polymer 'SULFATE ION'
5 water water
#
_entity_poly.entity_id   1
_entity_poly.type   'polypeptide(L)'
_entity_poly.pdbx_seq_one_letter_code
;MGHHHHHHHHHHSSGHIEGRHMTTPFMSNMTGWTTVNGTWADTIEGKQGRSDGDSFILSSASGSDFTYESDITIKDGNGR
GAGALMFRSDKDAKNGYLANVDAKHDLVKFFKFENGAASVIAEYKTPIDVNKKYHLKTEAEGDRFKIYLDDRLVIDAHDS
VFSEGQFGLNVWDATAVFQNVTKES
;
_entity_poly.pdbx_strand_id   A,B,C
#
loop_
_chem_comp.id
_chem_comp.type
_chem_comp.name
_chem_comp.formula
FRU D-saccharide, beta linking beta-D-fructofuranose 'C6 H12 O6'
NA non-polymer 'SODIUM ION' 'Na 1'
SO4 non-polymer 'SULFATE ION' 'O4 S -2'
#
# COMPACT_ATOMS: atom_id res chain seq x y z
N HIS A 21 -6.89 29.98 -10.53
CA HIS A 21 -7.79 28.82 -10.37
C HIS A 21 -7.09 27.76 -9.60
N MET A 22 -7.84 26.89 -8.91
CA MET A 22 -7.25 25.81 -8.14
C MET A 22 -6.55 24.79 -9.05
N THR A 23 -5.31 24.51 -8.70
CA THR A 23 -4.54 23.44 -9.36
C THR A 23 -3.82 22.65 -8.28
N THR A 24 -3.49 21.40 -8.60
CA THR A 24 -2.67 20.58 -7.70
C THR A 24 -1.48 20.01 -8.43
N PRO A 25 -0.34 19.90 -7.76
CA PRO A 25 0.82 19.29 -8.40
C PRO A 25 0.69 17.78 -8.52
N PHE A 26 -0.30 17.19 -7.87
CA PHE A 26 -0.57 15.76 -8.01
C PHE A 26 -1.20 15.45 -9.34
N MET A 27 -0.55 14.53 -10.08
CA MET A 27 -1.05 14.20 -11.41
CA MET A 27 -0.93 14.15 -11.43
C MET A 27 -1.70 12.84 -11.37
N SER A 28 -2.93 12.80 -11.85
CA SER A 28 -3.78 11.63 -11.80
C SER A 28 -4.99 11.82 -12.73
N ASN A 29 -5.58 10.72 -13.18
CA ASN A 29 -6.89 10.82 -13.84
C ASN A 29 -8.06 10.42 -12.96
N MET A 30 -7.84 10.40 -11.64
CA MET A 30 -8.82 9.99 -10.67
CA MET A 30 -8.90 10.05 -10.73
C MET A 30 -9.07 11.15 -9.69
N THR A 31 -10.28 11.26 -9.17
CA THR A 31 -10.70 12.37 -8.32
C THR A 31 -11.39 11.84 -7.06
N GLY A 32 -11.95 12.76 -6.28
CA GLY A 32 -12.77 12.34 -5.15
C GLY A 32 -12.01 11.69 -4.02
N TRP A 33 -10.76 12.10 -3.83
CA TRP A 33 -9.89 11.46 -2.83
C TRP A 33 -10.35 11.72 -1.42
N THR A 34 -10.65 10.65 -0.70
CA THR A 34 -11.16 10.73 0.64
C THR A 34 -10.22 10.02 1.60
N THR A 35 -9.72 10.75 2.58
CA THR A 35 -8.79 10.24 3.58
C THR A 35 -9.51 9.32 4.54
N VAL A 36 -9.09 8.07 4.61
CA VAL A 36 -9.66 7.13 5.57
C VAL A 36 -9.02 7.38 6.94
N ASN A 37 -7.69 7.41 6.93
CA ASN A 37 -6.90 7.71 8.11
C ASN A 37 -5.49 8.09 7.66
N GLY A 38 -4.64 8.39 8.61
CA GLY A 38 -3.30 8.88 8.33
C GLY A 38 -3.27 10.35 7.98
N THR A 39 -2.16 10.78 7.43
CA THR A 39 -1.93 12.17 7.03
C THR A 39 -1.65 12.16 5.54
N TRP A 40 -2.50 12.81 4.75
CA TRP A 40 -2.43 12.80 3.29
C TRP A 40 -2.52 14.19 2.75
N ALA A 41 -1.62 14.55 1.83
CA ALA A 41 -1.54 15.89 1.28
C ALA A 41 -1.08 15.85 -0.14
N ASP A 42 -1.33 16.90 -0.90
CA ASP A 42 -0.71 17.05 -2.23
C ASP A 42 0.42 18.02 -2.08
N THR A 43 1.62 17.57 -2.37
CA THR A 43 2.82 18.39 -2.29
C THR A 43 3.37 18.59 -3.69
N ILE A 44 4.41 19.40 -3.81
CA ILE A 44 5.06 19.57 -5.10
C ILE A 44 5.57 18.26 -5.70
N GLU A 45 5.78 17.24 -4.86
CA GLU A 45 6.28 15.96 -5.36
C GLU A 45 5.19 14.99 -5.75
N GLY A 46 3.94 15.26 -5.39
CA GLY A 46 2.85 14.31 -5.59
C GLY A 46 1.99 14.18 -4.37
N LYS A 47 1.19 13.13 -4.28
CA LYS A 47 0.36 12.90 -3.11
C LYS A 47 1.21 12.17 -2.07
N GLN A 48 1.36 12.75 -0.90
CA GLN A 48 2.12 12.17 0.18
C GLN A 48 1.18 11.61 1.21
N GLY A 49 1.50 10.41 1.68
CA GLY A 49 0.86 9.80 2.83
C GLY A 49 1.88 9.47 3.91
N ARG A 50 1.48 9.51 5.15
CA ARG A 50 2.32 9.07 6.24
C ARG A 50 1.49 8.54 7.39
N SER A 51 2.00 7.47 7.99
CA SER A 51 1.48 6.86 9.19
C SER A 51 2.46 5.81 9.69
N ASP A 52 2.34 5.51 10.98
CA ASP A 52 3.12 4.43 11.59
C ASP A 52 2.50 3.07 11.33
N GLY A 53 1.18 2.97 11.38
CA GLY A 53 0.49 1.75 10.96
C GLY A 53 0.10 1.86 9.50
N ASP A 54 -0.89 1.07 9.10
CA ASP A 54 -1.48 1.19 7.79
C ASP A 54 -2.39 2.42 7.73
N SER A 55 -2.34 3.15 6.62
CA SER A 55 -3.31 4.22 6.38
C SER A 55 -3.65 4.26 4.91
N PHE A 56 -4.80 4.89 4.62
CA PHE A 56 -5.43 4.72 3.33
C PHE A 56 -6.12 6.01 2.87
N ILE A 57 -6.11 6.22 1.55
CA ILE A 57 -6.95 7.23 0.91
C ILE A 57 -7.59 6.54 -0.29
N LEU A 58 -8.88 6.83 -0.53
CA LEU A 58 -9.62 6.20 -1.61
C LEU A 58 -10.14 7.24 -2.56
N SER A 59 -10.03 7.00 -3.83
CA SER A 59 -10.69 7.77 -4.87
C SER A 59 -12.13 7.31 -5.00
N SER A 60 -12.97 8.20 -5.53
CA SER A 60 -14.32 7.81 -5.91
C SER A 60 -14.34 6.86 -7.11
N ALA A 61 -13.26 6.83 -7.88
CA ALA A 61 -13.16 5.95 -9.04
C ALA A 61 -13.28 4.49 -8.59
N SER A 62 -13.92 3.69 -9.43
CA SER A 62 -14.18 2.29 -9.13
C SER A 62 -14.07 1.49 -10.41
N GLY A 63 -13.88 0.19 -10.24
CA GLY A 63 -13.78 -0.66 -11.41
C GLY A 63 -13.67 -2.13 -11.06
N SER A 64 -13.59 -2.94 -12.12
CA SER A 64 -13.43 -4.36 -12.00
C SER A 64 -12.11 -4.77 -12.63
N ASP A 65 -11.98 -4.58 -13.94
CA ASP A 65 -10.78 -4.93 -14.71
C ASP A 65 -10.11 -3.65 -15.15
N PHE A 66 -8.78 -3.60 -15.08
CA PHE A 66 -8.08 -2.35 -15.29
C PHE A 66 -6.59 -2.54 -15.25
N THR A 67 -5.89 -1.52 -15.71
CA THR A 67 -4.49 -1.28 -15.39
C THR A 67 -4.45 -0.11 -14.46
N TYR A 68 -3.78 -0.28 -13.34
CA TYR A 68 -3.69 0.76 -12.30
C TYR A 68 -2.23 0.93 -11.97
N GLU A 69 -1.67 2.12 -12.01
CA GLU A 69 -0.24 2.30 -11.80
C GLU A 69 0.09 3.60 -11.16
N SER A 70 1.31 3.69 -10.62
CA SER A 70 1.76 4.89 -9.96
C SER A 70 3.28 4.86 -9.89
N ASP A 71 3.91 6.02 -9.85
CA ASP A 71 5.23 6.14 -9.25
C ASP A 71 5.10 6.17 -7.74
N ILE A 72 6.00 5.46 -7.04
CA ILE A 72 6.01 5.40 -5.59
C ILE A 72 7.44 5.63 -5.12
N THR A 73 7.60 6.62 -4.26
CA THR A 73 8.88 6.90 -3.63
C THR A 73 8.72 6.89 -2.11
N ILE A 74 9.42 5.98 -1.43
CA ILE A 74 9.38 5.95 0.03
C ILE A 74 10.41 6.95 0.53
N LYS A 75 10.00 7.79 1.48
CA LYS A 75 10.89 8.80 2.02
C LYS A 75 11.49 8.36 3.36
N ASP A 76 12.23 9.25 4.00
CA ASP A 76 13.01 8.90 5.22
C ASP A 76 12.19 8.69 6.50
N GLY A 77 10.98 9.19 6.53
CA GLY A 77 10.20 9.27 7.77
C GLY A 77 9.65 7.96 8.30
N ASN A 78 9.08 8.03 9.49
CA ASN A 78 8.40 6.89 10.11
C ASN A 78 9.37 5.68 10.13
N GLY A 79 8.92 4.49 9.75
CA GLY A 79 9.78 3.33 9.81
C GLY A 79 10.31 2.88 8.48
N ARG A 80 10.25 3.75 7.44
CA ARG A 80 10.81 3.38 6.11
C ARG A 80 10.20 2.06 5.63
N GLY A 81 8.86 2.00 5.73
CA GLY A 81 8.09 0.80 5.46
C GLY A 81 7.71 0.61 4.02
N ALA A 82 6.41 0.80 3.71
CA ALA A 82 5.89 0.46 2.40
C ALA A 82 4.94 1.50 1.87
N GLY A 83 4.83 1.58 0.55
CA GLY A 83 3.79 2.35 -0.16
C GLY A 83 3.09 1.44 -1.14
N ALA A 84 1.76 1.63 -1.28
CA ALA A 84 0.96 0.65 -2.00
C ALA A 84 -0.11 1.26 -2.85
N LEU A 85 -0.44 0.58 -3.94
CA LEU A 85 -1.72 0.71 -4.67
C LEU A 85 -2.76 -0.14 -3.97
N MET A 86 -3.98 0.38 -3.80
CA MET A 86 -5.08 -0.42 -3.31
C MET A 86 -6.20 -0.42 -4.35
N PHE A 87 -6.86 -1.53 -4.52
CA PHE A 87 -7.85 -1.67 -5.59
C PHE A 87 -8.88 -2.72 -5.24
N ARG A 88 -9.98 -2.66 -5.97
CA ARG A 88 -11.20 -3.41 -5.66
C ARG A 88 -11.56 -3.30 -4.16
N SER A 89 -11.53 -2.05 -3.67
CA SER A 89 -11.75 -1.76 -2.26
C SER A 89 -13.17 -1.39 -1.92
N ASP A 90 -13.56 -1.71 -0.70
CA ASP A 90 -14.77 -1.13 -0.14
C ASP A 90 -14.49 0.27 0.40
N LYS A 91 -15.52 0.92 0.88
CA LYS A 91 -15.47 2.38 1.10
C LYS A 91 -14.52 2.86 2.18
N ASP A 92 -14.29 2.01 3.17
CA ASP A 92 -13.40 2.33 4.28
C ASP A 92 -12.12 1.52 4.25
N ALA A 93 -11.78 0.91 3.12
CA ALA A 93 -10.53 0.20 2.95
C ALA A 93 -10.33 -0.97 3.92
N LYS A 94 -11.44 -1.60 4.32
CA LYS A 94 -11.40 -2.79 5.16
C LYS A 94 -11.33 -4.10 4.38
N ASN A 95 -11.71 -4.02 3.12
CA ASN A 95 -11.73 -5.14 2.21
C ASN A 95 -11.21 -4.67 0.88
N GLY A 96 -10.17 -5.33 0.38
CA GLY A 96 -9.64 -4.99 -0.93
C GLY A 96 -8.27 -5.60 -1.14
N TYR A 97 -7.69 -5.34 -2.30
CA TYR A 97 -6.35 -5.84 -2.65
C TYR A 97 -5.36 -4.73 -2.59
N LEU A 98 -4.09 -5.07 -2.33
CA LEU A 98 -3.01 -4.11 -2.42
C LEU A 98 -1.82 -4.72 -3.13
N ALA A 99 -1.08 -3.87 -3.81
CA ALA A 99 0.23 -4.22 -4.38
C ALA A 99 1.18 -3.16 -3.91
N ASN A 100 2.30 -3.56 -3.29
CA ASN A 100 3.19 -2.59 -2.69
C ASN A 100 4.66 -2.75 -3.04
N VAL A 101 5.40 -1.72 -2.69
CA VAL A 101 6.86 -1.83 -2.54
C VAL A 101 7.16 -1.60 -1.08
N ASP A 102 7.94 -2.53 -0.49
CA ASP A 102 8.18 -2.54 0.96
C ASP A 102 9.67 -2.49 1.19
N ALA A 103 10.20 -1.36 1.59
CA ALA A 103 11.64 -1.17 1.80
C ALA A 103 12.10 -1.88 3.05
N LYS A 104 11.27 -1.92 4.07
CA LYS A 104 11.65 -2.55 5.33
C LYS A 104 11.88 -4.05 5.17
N HIS A 105 11.01 -4.70 4.41
CA HIS A 105 11.05 -6.16 4.22
C HIS A 105 11.61 -6.61 2.89
N ASP A 106 11.96 -5.68 2.02
CA ASP A 106 12.59 -5.99 0.73
C ASP A 106 11.74 -6.92 -0.11
N LEU A 107 10.55 -6.42 -0.45
CA LEU A 107 9.70 -7.14 -1.36
C LEU A 107 8.66 -6.29 -2.01
N VAL A 108 8.10 -6.90 -3.03
CA VAL A 108 6.83 -6.45 -3.65
C VAL A 108 5.79 -7.44 -3.20
N LYS A 109 4.76 -6.94 -2.50
CA LYS A 109 3.74 -7.79 -1.95
C LYS A 109 2.40 -7.57 -2.67
N PHE A 110 1.71 -8.64 -2.98
CA PHE A 110 0.30 -8.64 -3.40
C PHE A 110 -0.46 -9.28 -2.26
N PHE A 111 -1.38 -8.53 -1.65
CA PHE A 111 -2.08 -9.04 -0.51
C PHE A 111 -3.52 -8.51 -0.48
N LYS A 112 -4.29 -8.99 0.46
CA LYS A 112 -5.66 -8.56 0.65
C LYS A 112 -5.89 -8.21 2.11
N PHE A 113 -6.85 -7.30 2.31
CA PHE A 113 -7.52 -7.12 3.58
C PHE A 113 -8.90 -7.73 3.50
N GLU A 114 -9.26 -8.52 4.51
CA GLU A 114 -10.60 -9.02 4.67
C GLU A 114 -11.03 -8.62 6.05
N ASN A 115 -12.04 -7.77 6.12
CA ASN A 115 -12.53 -7.19 7.38
C ASN A 115 -11.39 -6.68 8.24
N GLY A 116 -10.47 -5.94 7.61
CA GLY A 116 -9.40 -5.27 8.31
C GLY A 116 -8.20 -6.14 8.66
N ALA A 117 -8.21 -7.41 8.27
CA ALA A 117 -7.11 -8.35 8.53
C ALA A 117 -6.38 -8.67 7.24
N ALA A 118 -5.05 -8.55 7.23
CA ALA A 118 -4.24 -8.78 6.05
C ALA A 118 -3.82 -10.22 5.87
N SER A 119 -3.79 -10.67 4.64
CA SER A 119 -3.14 -11.93 4.30
CA SER A 119 -3.28 -11.97 4.22
C SER A 119 -2.48 -11.79 2.96
N VAL A 120 -1.29 -12.36 2.87
CA VAL A 120 -0.47 -12.29 1.68
C VAL A 120 -1.00 -13.29 0.64
N ILE A 121 -0.99 -12.87 -0.61
CA ILE A 121 -1.33 -13.70 -1.75
C ILE A 121 -0.05 -14.10 -2.52
N ALA A 122 0.81 -13.16 -2.85
CA ALA A 122 2.02 -13.48 -3.59
C ALA A 122 3.07 -12.44 -3.26
N GLU A 123 4.35 -12.80 -3.45
CA GLU A 123 5.48 -11.91 -3.23
CA GLU A 123 5.38 -11.81 -3.35
C GLU A 123 6.52 -12.07 -4.31
N TYR A 124 7.29 -11.03 -4.53
CA TYR A 124 8.56 -11.07 -5.23
C TYR A 124 9.57 -10.43 -4.29
N LYS A 125 10.68 -11.13 -4.02
CA LYS A 125 11.65 -10.69 -3.03
C LYS A 125 12.79 -10.00 -3.75
N THR A 126 13.08 -8.76 -3.38
CA THR A 126 14.13 -7.99 -3.97
C THR A 126 14.46 -6.82 -3.06
N PRO A 127 15.72 -6.38 -3.02
CA PRO A 127 15.97 -5.19 -2.21
C PRO A 127 15.20 -3.95 -2.69
N ILE A 128 14.47 -3.30 -1.79
CA ILE A 128 13.68 -2.10 -2.06
C ILE A 128 14.20 -0.98 -1.17
N ASP A 129 14.40 0.18 -1.77
CA ASP A 129 15.09 1.28 -1.14
C ASP A 129 14.19 2.43 -0.82
N VAL A 130 14.60 3.23 0.15
CA VAL A 130 14.07 4.55 0.39
CA VAL A 130 13.99 4.56 0.30
C VAL A 130 14.74 5.55 -0.59
N ASN A 131 14.03 6.62 -0.92
CA ASN A 131 14.53 7.70 -1.81
C ASN A 131 14.93 7.24 -3.19
N LYS A 132 14.14 6.31 -3.72
CA LYS A 132 14.28 5.83 -5.06
C LYS A 132 12.86 5.70 -5.66
N LYS A 133 12.64 6.32 -6.80
CA LYS A 133 11.35 6.24 -7.47
C LYS A 133 11.20 4.85 -8.08
N TYR A 134 10.10 4.21 -7.73
CA TYR A 134 9.69 2.96 -8.35
C TYR A 134 8.44 3.20 -9.17
N HIS A 135 8.28 2.46 -10.25
CA HIS A 135 7.03 2.43 -10.95
C HIS A 135 6.36 1.12 -10.70
N LEU A 136 5.13 1.13 -10.21
CA LEU A 136 4.41 -0.10 -9.91
C LEU A 136 3.13 -0.11 -10.72
N LYS A 137 2.88 -1.19 -11.40
CA LYS A 137 1.73 -1.35 -12.25
C LYS A 137 1.01 -2.64 -11.96
N THR A 138 -0.32 -2.61 -11.74
CA THR A 138 -1.14 -3.78 -11.62
C THR A 138 -2.11 -3.90 -12.78
N GLU A 139 -2.18 -5.05 -13.42
CA GLU A 139 -3.22 -5.35 -14.39
CA GLU A 139 -3.21 -5.39 -14.39
C GLU A 139 -4.10 -6.40 -13.71
N ALA A 140 -5.35 -6.02 -13.45
CA ALA A 140 -6.34 -6.86 -12.78
C ALA A 140 -7.34 -7.27 -13.86
N GLU A 141 -7.42 -8.56 -14.15
CA GLU A 141 -8.28 -9.07 -15.22
C GLU A 141 -9.00 -10.28 -14.68
N GLY A 142 -10.26 -10.11 -14.31
CA GLY A 142 -10.98 -11.20 -13.70
C GLY A 142 -10.33 -11.57 -12.38
N ASP A 143 -9.97 -12.85 -12.23
CA ASP A 143 -9.31 -13.35 -11.03
C ASP A 143 -7.79 -13.39 -11.15
N ARG A 144 -7.21 -12.73 -12.14
CA ARG A 144 -5.77 -12.80 -12.36
C ARG A 144 -5.17 -11.43 -12.26
N PHE A 145 -4.01 -11.36 -11.60
CA PHE A 145 -3.35 -10.11 -11.25
C PHE A 145 -1.90 -10.17 -11.66
N LYS A 146 -1.48 -9.30 -12.56
CA LYS A 146 -0.08 -9.17 -13.00
C LYS A 146 0.50 -7.89 -12.45
N ILE A 147 1.61 -7.96 -11.72
CA ILE A 147 2.20 -6.79 -11.10
C ILE A 147 3.61 -6.63 -11.66
N TYR A 148 3.90 -5.41 -12.11
CA TYR A 148 5.13 -5.05 -12.74
C TYR A 148 5.85 -4.03 -11.88
N LEU A 149 7.15 -4.24 -11.69
CA LEU A 149 8.02 -3.32 -10.99
C LEU A 149 8.99 -2.76 -12.00
N ASP A 150 8.95 -1.45 -12.22
CA ASP A 150 9.85 -0.81 -13.21
C ASP A 150 9.81 -1.57 -14.56
N ASP A 151 8.59 -1.88 -14.96
CA ASP A 151 8.26 -2.46 -16.25
C ASP A 151 8.65 -3.91 -16.45
N ARG A 152 8.98 -4.59 -15.37
CA ARG A 152 9.25 -6.02 -15.40
C ARG A 152 8.22 -6.77 -14.61
N LEU A 153 7.66 -7.82 -15.18
CA LEU A 153 6.65 -8.63 -14.53
C LEU A 153 7.28 -9.37 -13.35
N VAL A 154 6.68 -9.26 -12.16
CA VAL A 154 7.22 -9.91 -10.96
C VAL A 154 6.23 -10.82 -10.26
N ILE A 155 4.92 -10.59 -10.45
CA ILE A 155 3.86 -11.36 -9.83
C ILE A 155 2.83 -11.66 -10.88
N ASP A 156 2.35 -12.88 -10.97
CA ASP A 156 1.23 -13.23 -11.86
C ASP A 156 0.41 -14.32 -11.18
N ALA A 157 -0.56 -13.90 -10.39
CA ALA A 157 -1.22 -14.75 -9.44
C ALA A 157 -2.72 -14.72 -9.63
N HIS A 158 -3.42 -15.71 -9.14
CA HIS A 158 -4.86 -15.73 -9.14
C HIS A 158 -5.45 -15.59 -7.76
N ASP A 159 -6.60 -14.93 -7.66
CA ASP A 159 -7.35 -14.84 -6.41
C ASP A 159 -8.79 -14.47 -6.73
N SER A 160 -9.73 -15.10 -6.03
CA SER A 160 -11.14 -14.98 -6.36
C SER A 160 -11.98 -14.18 -5.37
N VAL A 161 -11.38 -13.61 -4.36
CA VAL A 161 -12.16 -13.04 -3.24
C VAL A 161 -12.96 -11.78 -3.62
N PHE A 162 -12.31 -10.81 -4.27
CA PHE A 162 -12.94 -9.52 -4.61
C PHE A 162 -12.98 -9.33 -6.11
N SER A 163 -14.11 -8.85 -6.59
CA SER A 163 -14.31 -8.66 -8.02
C SER A 163 -14.34 -7.20 -8.46
N GLU A 164 -14.69 -6.26 -7.58
CA GLU A 164 -14.85 -4.85 -7.98
C GLU A 164 -14.70 -3.94 -6.77
N GLY A 165 -14.39 -2.69 -7.02
CA GLY A 165 -14.44 -1.67 -5.99
C GLY A 165 -13.61 -0.47 -6.30
N GLN A 166 -13.35 0.31 -5.26
CA GLN A 166 -12.65 1.56 -5.41
C GLN A 166 -11.13 1.40 -5.51
N PHE A 167 -10.51 2.39 -6.13
CA PHE A 167 -9.06 2.54 -6.18
C PHE A 167 -8.59 3.45 -5.07
N GLY A 168 -7.40 3.18 -4.53
CA GLY A 168 -6.83 4.08 -3.59
C GLY A 168 -5.35 3.84 -3.42
N LEU A 169 -4.82 4.39 -2.34
CA LEU A 169 -3.39 4.34 -2.01
C LEU A 169 -3.26 4.06 -0.53
N ASN A 170 -2.12 3.47 -0.15
CA ASN A 170 -1.84 3.13 1.22
C ASN A 170 -0.39 3.39 1.53
N VAL A 171 -0.11 3.66 2.79
CA VAL A 171 1.27 3.54 3.30
C VAL A 171 1.21 2.72 4.54
N TRP A 172 2.34 2.01 4.83
CA TRP A 172 2.51 1.28 6.08
C TRP A 172 3.81 1.68 6.70
N ASP A 173 3.78 2.25 7.88
CA ASP A 173 4.96 2.64 8.64
C ASP A 173 5.97 3.39 7.78
N ALA A 174 5.48 4.40 7.08
CA ALA A 174 6.26 5.10 6.04
C ALA A 174 5.66 6.47 5.80
N THR A 175 6.49 7.32 5.27
CA THR A 175 6.07 8.47 4.46
C THR A 175 6.38 8.09 3.02
N ALA A 176 5.41 8.21 2.13
CA ALA A 176 5.68 7.88 0.71
C ALA A 176 4.93 8.85 -0.17
N VAL A 177 5.49 9.11 -1.34
CA VAL A 177 4.90 10.02 -2.34
C VAL A 177 4.51 9.23 -3.59
N PHE A 178 3.30 9.49 -4.06
CA PHE A 178 2.70 8.86 -5.21
C PHE A 178 2.52 9.92 -6.28
N GLN A 179 2.91 9.62 -7.49
CA GLN A 179 2.77 10.59 -8.58
C GLN A 179 2.39 9.85 -9.85
N ASN A 180 1.63 10.50 -10.74
CA ASN A 180 1.12 9.88 -11.98
C ASN A 180 0.32 8.62 -11.62
N VAL A 181 -0.70 8.83 -10.80
CA VAL A 181 -1.55 7.74 -10.33
C VAL A 181 -2.70 7.62 -11.32
N THR A 182 -2.78 6.51 -12.04
CA THR A 182 -3.72 6.40 -13.15
C THR A 182 -4.37 5.07 -13.22
N LYS A 183 -5.59 5.04 -13.75
CA LYS A 183 -6.27 3.81 -14.06
C LYS A 183 -6.80 3.90 -15.49
N GLU A 184 -6.85 2.74 -16.13
CA GLU A 184 -7.43 2.59 -17.47
C GLU A 184 -8.28 1.34 -17.41
N SER A 185 -9.56 1.46 -17.75
CA SER A 185 -10.44 0.31 -17.73
C SER A 185 -10.87 -0.04 -19.14
N THR B 23 -19.49 50.98 16.16
CA THR B 23 -18.59 50.27 17.11
C THR B 23 -18.96 48.79 17.18
N THR B 24 -18.00 47.99 17.57
CA THR B 24 -18.19 46.56 17.65
C THR B 24 -17.47 45.97 18.86
N PRO B 25 -18.03 44.91 19.44
CA PRO B 25 -17.31 44.11 20.44
C PRO B 25 -16.30 43.14 19.85
N PHE B 26 -16.27 43.02 18.53
CA PHE B 26 -15.36 42.09 17.86
C PHE B 26 -14.00 42.76 17.74
N MET B 27 -12.99 42.10 18.30
CA MET B 27 -11.60 42.53 18.23
C MET B 27 -10.80 41.76 17.22
N SER B 28 -10.30 42.49 16.24
CA SER B 28 -9.48 41.93 15.17
C SER B 28 -8.57 43.02 14.60
N ASN B 29 -7.44 42.64 14.04
CA ASN B 29 -6.59 43.59 13.32
C ASN B 29 -6.81 43.58 11.82
N MET B 30 -7.94 43.01 11.43
CA MET B 30 -8.33 42.89 10.05
CA MET B 30 -8.33 42.89 10.04
C MET B 30 -9.72 43.48 9.82
N THR B 31 -9.97 43.94 8.59
CA THR B 31 -11.22 44.57 8.23
C THR B 31 -11.84 43.84 7.03
N GLY B 32 -12.95 44.40 6.55
CA GLY B 32 -13.69 43.85 5.42
C GLY B 32 -14.42 42.54 5.68
N TRP B 33 -14.73 42.26 6.95
CA TRP B 33 -15.42 41.04 7.33
C TRP B 33 -16.78 41.00 6.68
N THR B 34 -17.02 39.99 5.86
CA THR B 34 -18.19 39.89 5.00
C THR B 34 -18.70 38.44 4.92
N THR B 35 -19.95 38.22 5.31
CA THR B 35 -20.57 36.91 5.25
C THR B 35 -20.53 36.34 3.85
N VAL B 36 -20.06 35.10 3.73
CA VAL B 36 -20.27 34.32 2.51
C VAL B 36 -21.60 33.56 2.63
N ASN B 37 -21.78 32.80 3.70
CA ASN B 37 -23.01 32.09 4.00
C ASN B 37 -23.07 31.82 5.49
N GLY B 38 -24.14 31.17 5.93
CA GLY B 38 -24.42 31.04 7.36
C GLY B 38 -24.92 32.37 7.92
N THR B 39 -24.75 32.50 9.23
CA THR B 39 -25.19 33.69 9.97
C THR B 39 -24.04 34.13 10.85
N TRP B 40 -23.57 35.36 10.63
CA TRP B 40 -22.45 35.92 11.39
C TRP B 40 -22.92 37.21 11.98
N ALA B 41 -22.76 37.36 13.29
CA ALA B 41 -23.25 38.54 14.01
C ALA B 41 -22.36 38.80 15.23
N ASP B 42 -22.12 40.08 15.52
CA ASP B 42 -21.40 40.41 16.74
C ASP B 42 -22.33 40.15 17.94
N THR B 43 -21.73 39.71 19.03
CA THR B 43 -22.42 39.49 20.27
C THR B 43 -21.59 40.12 21.38
N ILE B 44 -22.11 40.06 22.60
CA ILE B 44 -21.42 40.48 23.81
C ILE B 44 -20.01 39.91 23.94
N GLU B 45 -19.76 38.76 23.34
CA GLU B 45 -18.53 38.02 23.49
C GLU B 45 -17.53 38.13 22.33
N GLY B 46 -17.95 38.70 21.20
CA GLY B 46 -17.10 38.69 20.00
C GLY B 46 -17.94 38.57 18.75
N LYS B 47 -17.49 37.80 17.77
CA LYS B 47 -18.26 37.54 16.56
C LYS B 47 -18.73 36.10 16.58
N GLN B 48 -20.03 35.88 16.44
CA GLN B 48 -20.61 34.55 16.44
C GLN B 48 -20.98 34.07 15.05
N GLY B 49 -20.64 32.84 14.73
CA GLY B 49 -21.11 32.16 13.53
C GLY B 49 -22.02 31.03 13.91
N ARG B 50 -22.97 30.71 13.04
CA ARG B 50 -23.89 29.63 13.29
C ARG B 50 -24.40 29.07 11.98
N SER B 51 -24.31 27.75 11.83
CA SER B 51 -24.88 27.05 10.68
C SER B 51 -25.01 25.56 10.96
N ASP B 52 -25.91 24.88 10.26
CA ASP B 52 -26.00 23.42 10.35
C ASP B 52 -24.94 22.63 9.58
N GLY B 53 -24.50 23.15 8.46
CA GLY B 53 -23.36 22.59 7.72
C GLY B 53 -22.23 23.57 7.82
N ASP B 54 -21.40 23.66 6.79
CA ASP B 54 -20.26 24.58 6.77
C ASP B 54 -20.73 25.98 6.39
N SER B 55 -20.21 26.97 7.08
CA SER B 55 -20.43 28.35 6.67
C SER B 55 -19.16 29.16 6.88
N PHE B 56 -19.09 30.33 6.26
CA PHE B 56 -17.87 31.07 6.10
C PHE B 56 -18.09 32.56 6.14
N ILE B 57 -17.14 33.28 6.70
CA ILE B 57 -17.02 34.73 6.61
C ILE B 57 -15.59 35.06 6.22
N LEU B 58 -15.39 36.00 5.32
CA LEU B 58 -14.05 36.36 4.82
C LEU B 58 -13.72 37.78 5.18
N SER B 59 -12.44 38.04 5.40
CA SER B 59 -11.86 39.37 5.54
C SER B 59 -11.24 39.74 4.20
N SER B 60 -11.02 41.04 4.00
CA SER B 60 -10.27 41.54 2.87
C SER B 60 -8.78 41.26 3.02
N ALA B 61 -8.33 41.00 4.24
CA ALA B 61 -6.91 40.74 4.48
C ALA B 61 -6.51 39.50 3.68
N SER B 62 -5.28 39.52 3.15
CA SER B 62 -4.77 38.43 2.33
C SER B 62 -3.28 38.29 2.55
N GLY B 63 -2.77 37.15 2.15
CA GLY B 63 -1.37 36.92 2.31
C GLY B 63 -0.96 35.56 1.85
N SER B 64 0.34 35.31 2.02
CA SER B 64 0.97 34.04 1.69
C SER B 64 1.54 33.41 2.96
N ASP B 65 2.61 33.99 3.49
CA ASP B 65 3.21 33.52 4.75
C ASP B 65 2.77 34.42 5.88
N PHE B 66 2.44 33.84 7.02
CA PHE B 66 1.80 34.60 8.11
C PHE B 66 1.65 33.77 9.36
N THR B 67 1.35 34.44 10.47
CA THR B 67 0.72 33.82 11.62
CA THR B 67 0.72 33.81 11.60
C THR B 67 -0.72 34.32 11.65
N TYR B 68 -1.65 33.43 11.98
CA TYR B 68 -3.09 33.76 12.04
C TYR B 68 -3.67 33.05 13.22
N GLU B 69 -4.43 33.76 14.05
CA GLU B 69 -4.91 33.14 15.27
C GLU B 69 -6.22 33.74 15.74
N SER B 70 -6.88 33.01 16.60
CA SER B 70 -8.15 33.43 17.19
C SER B 70 -8.44 32.67 18.46
N ASP B 71 -9.18 33.29 19.36
CA ASP B 71 -9.90 32.55 20.39
C ASP B 71 -11.15 31.97 19.75
N ILE B 72 -11.52 30.73 20.07
CA ILE B 72 -12.67 30.05 19.52
C ILE B 72 -13.34 29.31 20.64
N THR B 73 -14.64 29.54 20.80
CA THR B 73 -15.47 28.85 21.79
C THR B 73 -16.65 28.24 21.05
N ILE B 74 -16.85 26.95 21.14
CA ILE B 74 -18.02 26.29 20.60
C ILE B 74 -19.13 26.39 21.66
N LYS B 75 -20.27 26.91 21.27
CA LYS B 75 -21.38 27.12 22.19
C LYS B 75 -22.37 25.94 22.10
N ASP B 76 -23.50 26.02 22.82
CA ASP B 76 -24.48 24.91 22.85
C ASP B 76 -25.40 24.69 21.63
N GLY B 77 -25.46 25.63 20.68
CA GLY B 77 -26.42 25.57 19.56
C GLY B 77 -26.10 24.56 18.45
N ASN B 78 -26.99 24.47 17.46
CA ASN B 78 -26.82 23.56 16.32
C ASN B 78 -26.30 22.18 16.76
N GLY B 79 -25.28 21.63 16.10
CA GLY B 79 -24.81 20.32 16.48
C GLY B 79 -23.55 20.28 17.33
N ARG B 80 -23.19 21.36 18.03
CA ARG B 80 -21.98 21.33 18.88
C ARG B 80 -20.74 20.79 18.11
N GLY B 81 -20.58 21.33 16.91
CA GLY B 81 -19.60 20.94 15.95
C GLY B 81 -18.28 21.68 16.07
N ALA B 82 -17.92 22.41 15.03
CA ALA B 82 -16.57 22.96 14.91
C ALA B 82 -16.55 24.45 14.59
N GLY B 83 -15.46 25.09 14.94
CA GLY B 83 -15.15 26.45 14.53
C GLY B 83 -13.74 26.52 14.00
N ALA B 84 -13.47 27.29 12.98
CA ALA B 84 -12.23 27.19 12.23
C ALA B 84 -11.67 28.55 11.81
N LEU B 85 -10.34 28.59 11.70
CA LEU B 85 -9.63 29.53 10.88
C LEU B 85 -9.64 29.07 9.45
N MET B 86 -9.82 30.01 8.51
CA MET B 86 -9.66 29.75 7.09
C MET B 86 -8.60 30.69 6.56
N PHE B 87 -7.79 30.20 5.62
CA PHE B 87 -6.68 31.02 5.14
C PHE B 87 -6.25 30.53 3.74
N ARG B 88 -5.57 31.42 3.04
CA ARG B 88 -5.23 31.26 1.60
C ARG B 88 -6.47 30.95 0.78
N SER B 89 -7.56 31.65 1.13
CA SER B 89 -8.83 31.39 0.51
C SER B 89 -9.03 32.20 -0.78
N ASP B 90 -9.79 31.62 -1.69
CA ASP B 90 -10.32 32.41 -2.80
C ASP B 90 -11.47 33.30 -2.33
N LYS B 91 -11.96 34.11 -3.25
CA LYS B 91 -12.88 35.18 -2.88
C LYS B 91 -14.25 34.69 -2.39
N ASP B 92 -14.62 33.44 -2.67
CA ASP B 92 -15.90 32.97 -2.11
CA ASP B 92 -15.90 32.80 -2.36
C ASP B 92 -15.82 31.71 -1.29
N ALA B 93 -14.63 31.48 -0.73
CA ALA B 93 -14.41 30.42 0.25
C ALA B 93 -14.72 29.02 -0.30
N LYS B 94 -14.54 28.85 -1.62
CA LYS B 94 -14.65 27.53 -2.24
C LYS B 94 -13.29 26.79 -2.30
N ASN B 95 -12.23 27.54 -2.08
CA ASN B 95 -10.88 27.03 -2.15
C ASN B 95 -10.09 27.64 -1.04
N GLY B 96 -9.38 26.82 -0.26
CA GLY B 96 -8.56 27.33 0.81
C GLY B 96 -8.26 26.28 1.85
N TYR B 97 -7.51 26.69 2.88
CA TYR B 97 -7.15 25.80 3.98
C TYR B 97 -7.97 26.20 5.20
N LEU B 98 -8.21 25.24 6.07
CA LEU B 98 -8.85 25.47 7.36
C LEU B 98 -8.12 24.69 8.46
N ALA B 99 -8.07 25.27 9.63
CA ALA B 99 -7.65 24.62 10.86
C ALA B 99 -8.77 24.83 11.86
N ASN B 100 -9.26 23.79 12.51
CA ASN B 100 -10.39 23.92 13.41
C ASN B 100 -10.20 23.32 14.78
N VAL B 101 -11.13 23.64 15.66
CA VAL B 101 -11.40 22.86 16.87
C VAL B 101 -12.80 22.26 16.69
N ASP B 102 -12.94 20.96 16.89
CA ASP B 102 -14.17 20.22 16.60
C ASP B 102 -14.57 19.50 17.87
N ALA B 103 -15.59 20.04 18.52
CA ALA B 103 -16.06 19.49 19.79
C ALA B 103 -16.76 18.15 19.62
N LYS B 104 -17.54 18.02 18.54
CA LYS B 104 -18.26 16.81 18.29
C LYS B 104 -17.29 15.61 18.15
N HIS B 105 -16.21 15.83 17.41
CA HIS B 105 -15.28 14.76 17.07
C HIS B 105 -14.03 14.71 17.93
N ASP B 106 -13.87 15.67 18.84
CA ASP B 106 -12.64 15.78 19.65
C ASP B 106 -11.39 15.78 18.78
N LEU B 107 -11.30 16.80 17.92
CA LEU B 107 -10.20 16.92 16.94
C LEU B 107 -9.77 18.36 16.82
N VAL B 108 -8.52 18.56 16.51
CA VAL B 108 -8.06 19.68 15.72
C VAL B 108 -7.83 19.11 14.33
N LYS B 109 -8.51 19.67 13.33
CA LYS B 109 -8.40 19.21 11.96
C LYS B 109 -7.78 20.26 11.06
N PHE B 110 -6.83 19.80 10.22
CA PHE B 110 -6.26 20.60 9.13
C PHE B 110 -6.77 20.04 7.83
N PHE B 111 -7.45 20.87 7.05
CA PHE B 111 -8.09 20.41 5.84
C PHE B 111 -8.15 21.51 4.80
N LYS B 112 -8.66 21.16 3.64
CA LYS B 112 -8.84 22.13 2.58
C LYS B 112 -10.21 21.96 1.92
N PHE B 113 -10.66 23.03 1.28
CA PHE B 113 -11.69 22.92 0.25
C PHE B 113 -11.04 23.15 -1.10
N GLU B 114 -11.47 22.33 -2.06
CA GLU B 114 -11.02 22.46 -3.43
CA GLU B 114 -11.03 22.43 -3.44
C GLU B 114 -12.26 22.43 -4.31
N ASN B 115 -12.49 23.55 -4.96
CA ASN B 115 -13.73 23.76 -5.70
C ASN B 115 -14.95 23.24 -4.92
N GLY B 116 -15.00 23.64 -3.65
CA GLY B 116 -16.11 23.39 -2.75
C GLY B 116 -16.19 22.05 -2.07
N ALA B 117 -15.22 21.17 -2.32
CA ALA B 117 -15.18 19.82 -1.74
C ALA B 117 -14.06 19.73 -0.70
N ALA B 118 -14.38 19.20 0.47
CA ALA B 118 -13.39 19.05 1.55
C ALA B 118 -12.47 17.87 1.29
N SER B 119 -11.20 18.05 1.70
CA SER B 119 -10.18 16.99 1.73
C SER B 119 -9.41 17.18 3.03
N VAL B 120 -9.36 16.13 3.86
CA VAL B 120 -8.65 16.22 5.14
C VAL B 120 -7.16 15.95 4.93
N ILE B 121 -6.34 16.79 5.56
CA ILE B 121 -4.89 16.60 5.54
C ILE B 121 -4.42 15.88 6.79
N ALA B 122 -4.73 16.42 7.96
CA ALA B 122 -4.25 15.86 9.21
C ALA B 122 -5.29 16.05 10.29
N GLU B 123 -5.25 15.18 11.30
CA GLU B 123 -6.16 15.25 12.47
C GLU B 123 -5.32 15.02 13.72
N TYR B 124 -5.57 15.78 14.77
CA TYR B 124 -4.98 15.59 16.09
C TYR B 124 -6.11 15.33 17.03
N LYS B 125 -6.09 14.20 17.71
CA LYS B 125 -7.19 13.80 18.59
C LYS B 125 -6.95 14.33 19.98
N THR B 126 -7.91 15.08 20.51
CA THR B 126 -7.77 15.68 21.81
C THR B 126 -9.15 16.13 22.27
N PRO B 127 -9.42 16.13 23.59
CA PRO B 127 -10.74 16.65 24.02
C PRO B 127 -10.95 18.11 23.64
N ILE B 128 -12.09 18.36 23.00
CA ILE B 128 -12.55 19.70 22.69
C ILE B 128 -13.94 19.82 23.30
N ASP B 129 -14.04 20.62 24.35
CA ASP B 129 -15.27 20.76 25.11
C ASP B 129 -16.07 21.96 24.65
N VAL B 130 -17.39 21.83 24.68
CA VAL B 130 -18.24 22.99 24.48
C VAL B 130 -18.06 23.97 25.64
N ASN B 131 -18.25 25.25 25.32
CA ASN B 131 -18.19 26.37 26.28
C ASN B 131 -16.83 26.52 26.94
N LYS B 132 -15.78 26.06 26.28
CA LYS B 132 -14.41 26.26 26.73
C LYS B 132 -13.67 27.05 25.66
N LYS B 133 -13.03 28.12 26.04
CA LYS B 133 -12.29 28.92 25.09
C LYS B 133 -10.97 28.25 24.74
N TYR B 134 -10.72 28.08 23.44
CA TYR B 134 -9.47 27.59 22.93
C TYR B 134 -8.79 28.68 22.15
N HIS B 135 -7.47 28.72 22.15
CA HIS B 135 -6.71 29.56 21.27
C HIS B 135 -6.08 28.74 20.19
N LEU B 136 -6.39 29.04 18.95
CA LEU B 136 -5.91 28.30 17.81
C LEU B 136 -5.08 29.22 16.95
N LYS B 137 -3.88 28.79 16.56
CA LYS B 137 -2.97 29.59 15.80
C LYS B 137 -2.38 28.76 14.66
N THR B 138 -2.29 29.32 13.48
CA THR B 138 -1.57 28.73 12.36
CA THR B 138 -1.53 28.68 12.40
C THR B 138 -0.40 29.60 11.95
N GLU B 139 0.76 28.98 11.78
CA GLU B 139 1.91 29.61 11.17
C GLU B 139 2.09 28.93 9.83
N ALA B 140 1.92 29.71 8.77
CA ALA B 140 2.04 29.23 7.40
C ALA B 140 3.33 29.78 6.83
N GLU B 141 4.21 28.91 6.35
CA GLU B 141 5.44 29.34 5.72
C GLU B 141 5.71 28.45 4.53
N GLY B 142 5.55 29.03 3.34
CA GLY B 142 5.62 28.27 2.11
C GLY B 142 4.57 27.20 2.15
N ASP B 143 4.95 25.94 1.98
CA ASP B 143 3.95 24.86 2.04
C ASP B 143 3.92 24.13 3.38
N ARG B 144 4.50 24.73 4.40
CA ARG B 144 4.50 24.13 5.73
C ARG B 144 3.53 24.87 6.65
N PHE B 145 2.73 24.10 7.37
CA PHE B 145 1.69 24.64 8.25
C PHE B 145 1.89 24.05 9.65
N LYS B 146 2.11 24.94 10.60
CA LYS B 146 2.24 24.56 12.01
C LYS B 146 1.01 25.10 12.73
N ILE B 147 0.25 24.23 13.34
CA ILE B 147 -0.99 24.60 14.00
C ILE B 147 -0.84 24.35 15.48
N TYR B 148 -1.16 25.35 16.29
CA TYR B 148 -0.99 25.33 17.73
C TYR B 148 -2.35 25.46 18.41
N LEU B 149 -2.55 24.65 19.44
CA LEU B 149 -3.77 24.71 20.28
C LEU B 149 -3.29 25.11 21.65
N ASP B 150 -3.77 26.23 22.18
CA ASP B 150 -3.36 26.71 23.48
C ASP B 150 -1.82 26.65 23.63
N ASP B 151 -1.15 27.14 22.59
CA ASP B 151 0.29 27.31 22.52
C ASP B 151 1.11 26.03 22.42
N ARG B 152 0.46 24.89 22.22
CA ARG B 152 1.13 23.60 21.96
C ARG B 152 1.10 23.31 20.49
N LEU B 153 2.22 22.94 19.86
CA LEU B 153 2.22 22.56 18.47
C LEU B 153 1.52 21.23 18.35
N VAL B 154 0.45 21.15 17.55
CA VAL B 154 -0.32 19.94 17.44
C VAL B 154 -0.33 19.29 16.07
N ILE B 155 -0.13 20.07 15.02
CA ILE B 155 -0.02 19.59 13.65
C ILE B 155 1.10 20.35 12.97
N ASP B 156 1.94 19.60 12.24
CA ASP B 156 3.01 20.20 11.48
C ASP B 156 3.01 19.42 10.17
N ALA B 157 2.49 20.00 9.11
CA ALA B 157 2.17 19.29 7.90
C ALA B 157 2.44 20.14 6.66
N HIS B 158 2.74 19.48 5.55
CA HIS B 158 2.96 20.13 4.26
C HIS B 158 1.84 19.85 3.28
N ASP B 159 1.47 20.87 2.53
CA ASP B 159 0.56 20.76 1.40
C ASP B 159 0.85 21.94 0.51
N SER B 160 0.89 21.71 -0.81
CA SER B 160 1.31 22.78 -1.71
CA SER B 160 1.33 22.69 -1.77
C SER B 160 0.20 23.28 -2.65
N VAL B 161 -1.06 22.91 -2.37
CA VAL B 161 -2.16 23.29 -3.30
C VAL B 161 -2.40 24.82 -3.37
N PHE B 162 -2.43 25.49 -2.23
CA PHE B 162 -2.70 26.93 -2.22
C PHE B 162 -1.51 27.70 -1.67
N SER B 163 -1.12 28.75 -2.38
CA SER B 163 0.00 29.58 -1.95
C SER B 163 -0.38 30.93 -1.35
N GLU B 164 -1.58 31.45 -1.62
CA GLU B 164 -1.95 32.78 -1.20
C GLU B 164 -3.46 32.88 -1.14
N GLY B 165 -3.94 33.88 -0.42
CA GLY B 165 -5.34 34.24 -0.50
C GLY B 165 -5.84 34.92 0.77
N GLN B 166 -7.16 35.00 0.89
CA GLN B 166 -7.83 35.71 1.98
C GLN B 166 -7.89 34.88 3.26
N PHE B 167 -8.00 35.61 4.34
CA PHE B 167 -8.24 35.05 5.67
C PHE B 167 -9.75 35.06 5.93
N GLY B 168 -10.24 34.10 6.67
CA GLY B 168 -11.62 34.07 7.11
C GLY B 168 -11.85 33.19 8.29
N LEU B 169 -13.11 32.85 8.56
CA LEU B 169 -13.49 32.00 9.68
C LEU B 169 -14.58 31.08 9.18
N ASN B 170 -14.81 29.97 9.85
CA ASN B 170 -15.83 29.01 9.49
C ASN B 170 -16.42 28.40 10.72
N VAL B 171 -17.69 27.98 10.59
CA VAL B 171 -18.28 27.08 11.55
C VAL B 171 -18.86 25.91 10.80
N TRP B 172 -18.98 24.77 11.51
CA TRP B 172 -19.56 23.57 10.96
C TRP B 172 -20.50 22.99 11.99
N ASP B 173 -21.80 22.92 11.68
CA ASP B 173 -22.78 22.31 12.57
C ASP B 173 -22.60 22.80 14.01
N ALA B 174 -22.56 24.12 14.17
CA ALA B 174 -22.22 24.71 15.44
C ALA B 174 -22.70 26.16 15.49
N THR B 175 -22.80 26.62 16.72
CA THR B 175 -22.66 28.02 17.04
C THR B 175 -21.29 28.20 17.70
N ALA B 176 -20.50 29.15 17.22
CA ALA B 176 -19.17 29.40 17.79
C ALA B 176 -18.87 30.88 17.85
N VAL B 177 -18.15 31.29 18.87
CA VAL B 177 -17.73 32.65 19.04
C VAL B 177 -16.23 32.79 18.82
N PHE B 178 -15.85 33.76 18.03
CA PHE B 178 -14.48 34.07 17.70
C PHE B 178 -14.14 35.44 18.24
N GLN B 179 -12.94 35.59 18.77
CA GLN B 179 -12.50 36.86 19.29
C GLN B 179 -11.00 36.98 19.19
N ASN B 180 -10.52 38.21 19.08
CA ASN B 180 -9.07 38.45 18.97
C ASN B 180 -8.49 37.74 17.76
N VAL B 181 -9.10 38.04 16.62
CA VAL B 181 -8.72 37.42 15.36
C VAL B 181 -7.65 38.29 14.74
N THR B 182 -6.42 37.76 14.73
CA THR B 182 -5.30 38.57 14.29
CA THR B 182 -5.23 38.53 14.40
C THR B 182 -4.36 37.82 13.37
N LYS B 183 -3.86 38.56 12.41
CA LYS B 183 -2.86 38.01 11.49
C LYS B 183 -1.65 38.91 11.50
N GLU B 184 -0.50 38.29 11.23
CA GLU B 184 0.76 39.01 11.10
C GLU B 184 1.50 38.42 9.94
N SER B 185 1.90 39.24 8.97
CA SER B 185 2.76 38.79 7.90
C SER B 185 4.08 39.50 7.97
N PRO C 25 8.26 -48.64 -11.79
CA PRO C 25 7.57 -48.00 -10.68
C PRO C 25 7.69 -46.48 -10.71
N PHE C 26 8.88 -45.96 -10.98
CA PHE C 26 9.09 -44.51 -11.13
C PHE C 26 9.06 -44.11 -12.58
N MET C 27 8.09 -43.31 -12.96
CA MET C 27 7.86 -42.85 -14.31
C MET C 27 8.55 -41.49 -14.51
N SER C 28 9.48 -41.48 -15.44
CA SER C 28 10.30 -40.30 -15.77
C SER C 28 10.93 -40.45 -17.14
N ASN C 29 11.19 -39.33 -17.80
CA ASN C 29 11.96 -39.35 -19.04
C ASN C 29 13.43 -39.08 -18.81
N MET C 30 13.87 -39.03 -17.55
CA MET C 30 15.27 -38.80 -17.22
C MET C 30 15.87 -39.95 -16.46
N THR C 31 17.18 -40.06 -16.58
CA THR C 31 17.92 -41.17 -15.99
C THR C 31 19.18 -40.68 -15.27
N GLY C 32 20.07 -41.59 -14.90
CA GLY C 32 21.27 -41.19 -14.20
C GLY C 32 21.06 -40.56 -12.83
N TRP C 33 19.96 -40.93 -12.19
CA TRP C 33 19.59 -40.39 -10.89
C TRP C 33 20.60 -40.78 -9.86
N THR C 34 21.19 -39.77 -9.22
CA THR C 34 22.30 -39.97 -8.30
C THR C 34 22.09 -39.10 -7.08
N THR C 35 22.02 -39.74 -5.92
CA THR C 35 21.81 -39.04 -4.67
C THR C 35 22.93 -38.11 -4.34
N VAL C 36 22.61 -36.86 -4.06
CA VAL C 36 23.54 -35.93 -3.43
C VAL C 36 23.57 -36.21 -1.92
N ASN C 37 22.41 -36.10 -1.28
CA ASN C 37 22.27 -36.47 0.12
C ASN C 37 20.79 -36.85 0.35
N GLY C 38 20.53 -37.31 1.55
CA GLY C 38 19.24 -37.80 1.96
C GLY C 38 19.09 -39.27 1.67
N THR C 39 17.87 -39.77 1.70
CA THR C 39 17.58 -41.17 1.44
C THR C 39 16.49 -41.24 0.38
N TRP C 40 16.83 -41.78 -0.77
CA TRP C 40 15.94 -41.81 -1.93
C TRP C 40 15.73 -43.22 -2.38
N ALA C 41 14.51 -43.58 -2.76
CA ALA C 41 14.25 -44.93 -3.27
C ALA C 41 13.02 -44.90 -4.15
N ASP C 42 12.99 -45.72 -5.18
CA ASP C 42 11.82 -45.84 -6.04
C ASP C 42 10.82 -46.81 -5.44
N THR C 43 9.56 -46.41 -5.51
CA THR C 43 8.42 -47.13 -4.95
C THR C 43 7.36 -47.14 -6.06
N ILE C 44 6.32 -47.95 -5.88
CA ILE C 44 5.22 -48.01 -6.84
C ILE C 44 4.53 -46.66 -7.02
N GLU C 45 4.60 -45.83 -5.99
CA GLU C 45 4.02 -44.51 -6.05
C GLU C 45 4.96 -43.45 -6.64
N GLY C 46 6.20 -43.81 -6.91
CA GLY C 46 7.15 -42.89 -7.45
C GLY C 46 8.43 -42.87 -6.61
N LYS C 47 9.30 -41.91 -6.91
CA LYS C 47 10.57 -41.80 -6.17
C LYS C 47 10.30 -41.06 -4.87
N GLN C 48 10.67 -41.70 -3.76
CA GLN C 48 10.49 -41.16 -2.42
C GLN C 48 11.81 -40.63 -1.87
N GLY C 49 11.78 -39.42 -1.35
CA GLY C 49 12.88 -38.89 -0.56
C GLY C 49 12.47 -38.56 0.85
N ARG C 50 13.45 -38.51 1.74
CA ARG C 50 13.22 -38.18 3.12
C ARG C 50 14.47 -37.54 3.70
N SER C 51 14.27 -36.39 4.34
CA SER C 51 15.33 -35.72 5.08
C SER C 51 14.75 -34.69 6.06
N ASP C 52 15.50 -34.43 7.13
CA ASP C 52 15.11 -33.42 8.12
C ASP C 52 15.42 -32.02 7.57
N GLY C 53 16.59 -31.81 7.00
CA GLY C 53 16.94 -30.60 6.29
C GLY C 53 16.66 -30.77 4.81
N ASP C 54 17.40 -30.02 4.01
CA ASP C 54 17.31 -30.14 2.54
C ASP C 54 18.07 -31.35 2.07
N SER C 55 17.53 -32.10 1.12
CA SER C 55 18.24 -33.17 0.46
C SER C 55 17.93 -33.15 -1.02
N PHE C 56 18.81 -33.77 -1.80
CA PHE C 56 18.78 -33.55 -3.23
C PHE C 56 19.17 -34.81 -3.96
N ILE C 57 18.54 -35.06 -5.09
CA ILE C 57 18.96 -36.10 -6.04
C ILE C 57 18.98 -35.47 -7.42
N LEU C 58 20.03 -35.72 -8.21
CA LEU C 58 20.15 -35.13 -9.51
C LEU C 58 20.12 -36.20 -10.59
N SER C 59 19.52 -35.87 -11.71
CA SER C 59 19.58 -36.62 -12.95
CA SER C 59 19.64 -36.69 -12.89
C SER C 59 20.83 -36.22 -13.74
N SER C 60 21.23 -37.07 -14.69
CA SER C 60 22.27 -36.69 -15.65
C SER C 60 21.76 -35.68 -16.68
N ALA C 61 20.45 -35.53 -16.79
CA ALA C 61 19.89 -34.64 -17.78
C ALA C 61 20.19 -33.18 -17.40
N SER C 62 20.44 -32.36 -18.41
CA SER C 62 20.70 -30.95 -18.22
C SER C 62 19.97 -30.15 -19.28
N GLY C 63 19.88 -28.85 -19.04
CA GLY C 63 19.26 -27.96 -19.98
C GLY C 63 19.38 -26.50 -19.61
N SER C 64 18.78 -25.68 -20.47
CA SER C 64 18.78 -24.24 -20.34
CA SER C 64 18.79 -24.25 -20.34
C SER C 64 17.33 -23.75 -20.28
N ASP C 65 16.61 -23.83 -21.41
CA ASP C 65 15.20 -23.49 -21.50
C ASP C 65 14.42 -24.79 -21.67
N PHE C 66 13.36 -24.92 -20.92
CA PHE C 66 12.63 -26.15 -20.83
C PHE C 66 11.31 -25.95 -20.10
N THR C 67 10.50 -27.00 -20.11
CA THR C 67 9.42 -27.20 -19.16
CA THR C 67 9.45 -27.19 -19.12
C THR C 67 9.86 -28.40 -18.28
N TYR C 68 9.54 -28.36 -17.00
CA TYR C 68 9.88 -29.41 -16.07
C TYR C 68 8.77 -29.56 -15.09
N GLU C 69 8.25 -30.77 -14.90
CA GLU C 69 7.08 -30.93 -14.06
C GLU C 69 7.09 -32.30 -13.39
N SER C 70 6.27 -32.39 -12.35
CA SER C 70 6.13 -33.60 -11.55
C SER C 70 4.83 -33.57 -10.77
N ASP C 71 4.31 -34.76 -10.47
CA ASP C 71 3.40 -34.92 -9.36
C ASP C 71 4.24 -35.01 -8.09
N ILE C 72 3.78 -34.32 -7.04
CA ILE C 72 4.48 -34.25 -5.76
C ILE C 72 3.44 -34.49 -4.67
N THR C 73 3.70 -35.46 -3.78
CA THR C 73 2.88 -35.75 -2.61
C THR C 73 3.78 -35.72 -1.36
N ILE C 74 3.44 -34.85 -0.41
CA ILE C 74 4.15 -34.79 0.85
CA ILE C 74 4.17 -34.81 0.84
CA ILE C 74 4.13 -34.77 0.88
C ILE C 74 3.46 -35.78 1.79
N LYS C 75 4.20 -36.72 2.34
CA LYS C 75 3.59 -37.72 3.16
C LYS C 75 3.42 -37.25 4.61
N ASP C 76 2.53 -37.94 5.33
CA ASP C 76 2.18 -37.57 6.70
C ASP C 76 3.28 -38.04 7.66
N GLY C 77 3.08 -37.78 8.96
CA GLY C 77 4.02 -38.20 9.99
C GLY C 77 5.12 -37.17 10.19
N ASN C 78 6.36 -37.65 10.10
CA ASN C 78 7.58 -36.85 10.18
C ASN C 78 7.57 -35.60 9.32
N GLY C 79 7.82 -34.44 9.93
CA GLY C 79 8.23 -33.26 9.23
C GLY C 79 7.14 -32.49 8.50
N ARG C 80 6.55 -33.11 7.50
CA ARG C 80 5.43 -32.49 6.79
C ARG C 80 5.78 -31.14 6.10
N GLY C 81 6.99 -31.09 5.58
CA GLY C 81 7.64 -29.94 5.00
C GLY C 81 7.32 -29.75 3.52
N ALA C 82 8.31 -29.92 2.65
CA ALA C 82 8.22 -29.52 1.26
C ALA C 82 8.85 -30.55 0.35
N GLY C 83 8.42 -30.53 -0.89
CA GLY C 83 9.02 -31.29 -1.99
C GLY C 83 9.17 -30.38 -3.18
N ALA C 84 10.28 -30.52 -3.92
CA ALA C 84 10.64 -29.51 -4.92
C ALA C 84 11.22 -30.13 -6.19
N LEU C 85 10.96 -29.44 -7.30
CA LEU C 85 11.75 -29.52 -8.51
C LEU C 85 13.02 -28.71 -8.36
N MET C 86 14.17 -29.24 -8.82
CA MET C 86 15.40 -28.47 -8.89
C MET C 86 15.88 -28.43 -10.33
N PHE C 87 16.42 -27.30 -10.73
CA PHE C 87 16.78 -27.10 -12.12
C PHE C 87 17.86 -26.04 -12.28
N ARG C 88 18.56 -26.10 -13.42
CA ARG C 88 19.74 -25.31 -13.71
C ARG C 88 20.74 -25.44 -12.56
N SER C 89 20.92 -26.69 -12.08
CA SER C 89 21.78 -26.98 -10.95
C SER C 89 23.21 -27.33 -11.35
N ASP C 90 24.14 -27.00 -10.45
CA ASP C 90 25.46 -27.54 -10.55
C ASP C 90 25.46 -29.01 -10.08
N LYS C 91 26.60 -29.65 -10.22
CA LYS C 91 26.71 -31.08 -9.98
C LYS C 91 26.53 -31.48 -8.49
N ASP C 92 26.74 -30.52 -7.60
CA ASP C 92 26.63 -30.73 -6.17
C ASP C 92 25.31 -30.25 -5.56
N ALA C 93 24.40 -29.68 -6.36
CA ALA C 93 23.16 -29.11 -5.85
C ALA C 93 23.42 -28.03 -4.82
N LYS C 94 24.53 -27.32 -4.98
CA LYS C 94 24.86 -26.15 -4.19
C LYS C 94 24.49 -24.83 -4.83
N ASN C 95 24.21 -24.86 -6.14
CA ASN C 95 23.87 -23.66 -6.91
C ASN C 95 22.81 -24.07 -7.90
N GLY C 96 21.65 -23.46 -7.85
CA GLY C 96 20.58 -23.79 -8.80
C GLY C 96 19.29 -23.20 -8.28
N TYR C 97 18.22 -23.48 -9.03
CA TYR C 97 16.88 -23.03 -8.71
C TYR C 97 16.01 -24.18 -8.25
N LEU C 98 15.00 -23.82 -7.44
CA LEU C 98 14.00 -24.76 -7.03
C LEU C 98 12.63 -24.12 -7.08
N ALA C 99 11.65 -24.97 -7.36
CA ALA C 99 10.24 -24.62 -7.25
C ALA C 99 9.59 -25.70 -6.41
N ASN C 100 8.84 -25.36 -5.38
CA ASN C 100 8.34 -26.36 -4.46
C ASN C 100 6.85 -26.20 -4.13
N VAL C 101 6.31 -27.23 -3.49
CA VAL C 101 5.13 -27.13 -2.67
C VAL C 101 5.52 -27.37 -1.22
N ASP C 102 5.04 -26.52 -0.33
CA ASP C 102 5.48 -26.53 1.09
C ASP C 102 4.19 -26.61 1.92
N ALA C 103 3.98 -27.78 2.54
CA ALA C 103 2.80 -28.02 3.36
C ALA C 103 2.88 -27.28 4.69
N LYS C 104 4.07 -27.23 5.26
CA LYS C 104 4.27 -26.61 6.53
C LYS C 104 3.95 -25.10 6.48
N HIS C 105 4.39 -24.44 5.40
CA HIS C 105 4.23 -22.99 5.27
C HIS C 105 3.10 -22.57 4.36
N ASP C 106 2.41 -23.52 3.73
CA ASP C 106 1.30 -23.23 2.82
C ASP C 106 1.71 -22.26 1.73
N LEU C 107 2.67 -22.71 0.93
CA LEU C 107 3.07 -21.93 -0.22
C LEU C 107 3.71 -22.73 -1.30
N VAL C 108 3.76 -22.12 -2.48
CA VAL C 108 4.64 -22.51 -3.58
C VAL C 108 5.76 -21.49 -3.58
N LYS C 109 7.01 -21.98 -3.50
CA LYS C 109 8.15 -21.11 -3.44
C LYS C 109 9.04 -21.32 -4.67
N PHE C 110 9.55 -20.22 -5.22
CA PHE C 110 10.60 -20.21 -6.23
C PHE C 110 11.79 -19.58 -5.53
N PHE C 111 12.89 -20.34 -5.48
CA PHE C 111 14.05 -19.89 -4.72
C PHE C 111 15.32 -20.41 -5.39
N LYS C 112 16.45 -19.90 -4.89
CA LYS C 112 17.74 -20.32 -5.40
C LYS C 112 18.67 -20.66 -4.26
N PHE C 113 19.61 -21.55 -4.56
CA PHE C 113 20.79 -21.74 -3.73
C PHE C 113 21.99 -21.12 -4.41
N GLU C 114 22.79 -20.40 -3.62
CA GLU C 114 24.04 -19.83 -4.07
C GLU C 114 25.09 -20.29 -3.04
N ASN C 115 26.02 -21.13 -3.45
CA ASN C 115 27.01 -21.74 -2.52
C ASN C 115 26.33 -22.32 -1.29
N GLY C 116 25.20 -22.99 -1.47
CA GLY C 116 24.53 -23.62 -0.36
C GLY C 116 23.62 -22.77 0.48
N ALA C 117 23.51 -21.47 0.18
CA ALA C 117 22.68 -20.53 0.93
C ALA C 117 21.43 -20.27 0.11
N ALA C 118 20.26 -20.46 0.72
CA ALA C 118 18.98 -20.24 0.03
C ALA C 118 18.55 -18.77 0.09
N SER C 119 17.99 -18.33 -1.02
CA SER C 119 17.34 -17.01 -1.11
C SER C 119 16.01 -17.19 -1.86
N VAL C 120 14.93 -16.67 -1.29
CA VAL C 120 13.62 -16.70 -1.92
C VAL C 120 13.61 -15.68 -3.07
N ILE C 121 13.02 -16.06 -4.18
CA ILE C 121 12.76 -15.14 -5.30
C ILE C 121 11.28 -14.75 -5.38
N ALA C 122 10.39 -15.72 -5.30
CA ALA C 122 8.95 -15.42 -5.37
C ALA C 122 8.17 -16.48 -4.61
N GLU C 123 6.97 -16.14 -4.17
CA GLU C 123 6.09 -17.07 -3.54
C GLU C 123 4.65 -16.84 -3.93
N TYR C 124 3.85 -17.87 -3.83
CA TYR C 124 2.40 -17.83 -3.90
C TYR C 124 1.85 -18.55 -2.67
N LYS C 125 0.97 -17.86 -1.93
CA LYS C 125 0.39 -18.40 -0.71
CA LYS C 125 0.45 -18.45 -0.70
C LYS C 125 -0.82 -19.24 -1.03
N THR C 126 -0.85 -20.50 -0.61
CA THR C 126 -1.98 -21.36 -0.91
C THR C 126 -1.95 -22.52 0.04
N PRO C 127 -3.11 -23.07 0.44
CA PRO C 127 -2.99 -24.25 1.32
CA PRO C 127 -3.11 -24.29 1.27
C PRO C 127 -2.38 -25.46 0.59
N ILE C 128 -1.42 -26.11 1.26
CA ILE C 128 -0.77 -27.27 0.74
C ILE C 128 -0.89 -28.31 1.84
N ASP C 129 -1.49 -29.45 1.51
CA ASP C 129 -1.77 -30.50 2.48
C ASP C 129 -0.86 -31.71 2.29
N VAL C 130 -0.65 -32.44 3.38
CA VAL C 130 -0.03 -33.77 3.27
C VAL C 130 -1.03 -34.74 2.69
N ASN C 131 -0.50 -35.73 2.02
CA ASN C 131 -1.26 -36.78 1.36
C ASN C 131 -2.25 -36.32 0.31
N LYS C 132 -1.93 -35.20 -0.32
CA LYS C 132 -2.63 -34.69 -1.51
C LYS C 132 -1.61 -34.60 -2.65
N LYS C 133 -1.95 -35.17 -3.80
CA LYS C 133 -1.08 -35.05 -4.95
C LYS C 133 -1.24 -33.69 -5.60
N TYR C 134 -0.13 -32.99 -5.75
CA TYR C 134 -0.06 -31.70 -6.47
C TYR C 134 0.72 -31.89 -7.76
N HIS C 135 0.32 -31.22 -8.81
CA HIS C 135 1.07 -31.14 -10.02
C HIS C 135 1.79 -29.81 -10.06
N LEU C 136 3.11 -29.83 -10.17
CA LEU C 136 3.90 -28.62 -10.22
C LEU C 136 4.69 -28.60 -11.51
N LYS C 137 4.59 -27.48 -12.24
CA LYS C 137 5.26 -27.30 -13.52
C LYS C 137 6.03 -26.01 -13.56
N THR C 138 7.27 -26.05 -14.02
CA THR C 138 8.08 -24.87 -14.26
CA THR C 138 8.00 -24.83 -14.29
C THR C 138 8.35 -24.73 -15.76
N GLU C 139 8.19 -23.53 -16.29
CA GLU C 139 8.64 -23.19 -17.64
C GLU C 139 9.75 -22.15 -17.50
N ALA C 140 10.95 -22.47 -17.94
CA ALA C 140 12.09 -21.61 -17.82
C ALA C 140 12.51 -21.17 -19.22
N GLU C 141 12.60 -19.86 -19.43
CA GLU C 141 13.01 -19.32 -20.72
C GLU C 141 13.90 -18.13 -20.45
N GLY C 142 15.18 -18.23 -20.74
CA GLY C 142 16.08 -17.16 -20.41
C GLY C 142 16.04 -16.89 -18.92
N ASP C 143 15.79 -15.63 -18.57
CA ASP C 143 15.73 -15.21 -17.15
C ASP C 143 14.32 -15.16 -16.58
N ARG C 144 13.36 -15.79 -17.26
CA ARG C 144 12.00 -15.75 -16.82
C ARG C 144 11.46 -17.14 -16.52
N PHE C 145 10.70 -17.25 -15.43
CA PHE C 145 10.26 -18.52 -14.87
C PHE C 145 8.78 -18.44 -14.56
N LYS C 146 8.00 -19.31 -15.19
CA LYS C 146 6.59 -19.45 -14.92
C LYS C 146 6.37 -20.74 -14.16
N ILE C 147 5.66 -20.68 -13.04
CA ILE C 147 5.37 -21.86 -12.23
C ILE C 147 3.86 -22.03 -12.12
N TYR C 148 3.41 -23.23 -12.40
CA TYR C 148 2.01 -23.61 -12.39
C TYR C 148 1.79 -24.64 -11.31
N LEU C 149 0.69 -24.45 -10.57
CA LEU C 149 0.28 -25.40 -9.54
C LEU C 149 -1.09 -25.92 -9.99
N ASP C 150 -1.23 -27.23 -10.19
CA ASP C 150 -2.52 -27.83 -10.57
C ASP C 150 -3.09 -27.11 -11.80
N ASP C 151 -2.19 -26.86 -12.75
CA ASP C 151 -2.52 -26.29 -14.06
C ASP C 151 -2.92 -24.80 -14.05
N ARG C 152 -2.61 -24.07 -12.98
CA ARG C 152 -2.88 -22.65 -12.90
C ARG C 152 -1.57 -21.92 -12.61
N LEU C 153 -1.34 -20.84 -13.36
CA LEU C 153 -0.13 -20.05 -13.18
C LEU C 153 -0.16 -19.36 -11.83
N VAL C 154 0.88 -19.49 -11.05
CA VAL C 154 0.94 -18.85 -9.74
C VAL C 154 2.15 -17.97 -9.51
N ILE C 155 3.23 -18.14 -10.30
CA ILE C 155 4.44 -17.34 -10.21
C ILE C 155 4.91 -17.06 -11.64
N ASP C 156 5.32 -15.82 -11.89
CA ASP C 156 5.93 -15.42 -13.14
C ASP C 156 6.96 -14.35 -12.80
N ALA C 157 8.20 -14.79 -12.62
CA ALA C 157 9.24 -13.95 -12.05
C ALA C 157 10.50 -14.02 -12.90
N HIS C 158 11.43 -13.12 -12.63
CA HIS C 158 12.73 -13.12 -13.31
C HIS C 158 13.88 -13.26 -12.35
N ASP C 159 14.94 -13.90 -12.83
CA ASP C 159 16.19 -14.01 -12.11
C ASP C 159 17.25 -14.37 -13.13
N SER C 160 18.45 -13.82 -13.00
CA SER C 160 19.47 -13.97 -14.02
C SER C 160 20.71 -14.75 -13.60
N VAL C 161 20.73 -15.35 -12.42
CA VAL C 161 21.96 -15.89 -11.88
CA VAL C 161 21.97 -15.89 -11.90
C VAL C 161 22.41 -17.19 -12.57
N PHE C 162 21.48 -18.10 -12.88
CA PHE C 162 21.86 -19.39 -13.50
C PHE C 162 21.16 -19.53 -14.86
N SER C 163 21.93 -19.98 -15.84
CA SER C 163 21.41 -20.12 -17.20
C SER C 163 21.23 -21.56 -17.65
N GLU C 164 21.94 -22.50 -17.03
CA GLU C 164 21.96 -23.90 -17.45
C GLU C 164 22.37 -24.80 -16.32
N GLY C 165 21.95 -26.04 -16.38
CA GLY C 165 22.43 -27.03 -15.44
C GLY C 165 21.58 -28.27 -15.41
N GLN C 166 21.83 -29.08 -14.39
CA GLN C 166 21.14 -30.33 -14.22
C GLN C 166 19.74 -30.15 -13.60
N PHE C 167 18.92 -31.16 -13.87
CA PHE C 167 17.59 -31.32 -13.27
C PHE C 167 17.71 -32.26 -12.09
N GLY C 168 16.87 -32.04 -11.10
CA GLY C 168 16.80 -32.91 -9.96
C GLY C 168 15.56 -32.71 -9.14
N LEU C 169 15.56 -33.24 -7.92
CA LEU C 169 14.46 -33.23 -6.98
C LEU C 169 14.99 -32.95 -5.61
N ASN C 170 14.15 -32.37 -4.74
CA ASN C 170 14.57 -32.06 -3.37
C ASN C 170 13.45 -32.32 -2.42
N VAL C 171 13.79 -32.68 -1.20
CA VAL C 171 12.81 -32.63 -0.13
CA VAL C 171 12.85 -32.76 -0.10
C VAL C 171 13.41 -31.89 1.03
N TRP C 172 12.51 -31.27 1.80
CA TRP C 172 12.93 -30.51 2.96
C TRP C 172 12.01 -30.80 4.13
N ASP C 173 12.55 -31.26 5.25
CA ASP C 173 11.77 -31.54 6.47
C ASP C 173 10.54 -32.39 6.16
N ALA C 174 10.73 -33.47 5.42
CA ALA C 174 9.61 -34.22 4.90
C ALA C 174 10.04 -35.59 4.41
N THR C 175 9.05 -36.43 4.22
CA THR C 175 9.08 -37.51 3.26
C THR C 175 8.13 -37.07 2.11
N ALA C 176 8.57 -37.18 0.86
CA ALA C 176 7.76 -36.78 -0.28
C ALA C 176 7.98 -37.76 -1.41
N VAL C 177 7.00 -37.90 -2.29
CA VAL C 177 7.07 -38.84 -3.39
CA VAL C 177 7.04 -38.86 -3.37
C VAL C 177 6.77 -38.10 -4.68
N PHE C 178 7.63 -38.34 -5.67
CA PHE C 178 7.58 -37.70 -6.96
C PHE C 178 7.22 -38.72 -8.03
N GLN C 179 6.27 -38.40 -8.89
CA GLN C 179 5.86 -39.34 -9.94
C GLN C 179 5.65 -38.56 -11.22
N ASN C 180 5.91 -39.20 -12.35
CA ASN C 180 5.70 -38.58 -13.64
C ASN C 180 6.57 -37.35 -13.80
N VAL C 181 7.86 -37.55 -13.53
CA VAL C 181 8.85 -36.49 -13.54
C VAL C 181 9.32 -36.35 -14.97
N THR C 182 8.99 -35.24 -15.62
CA THR C 182 9.16 -35.09 -17.06
CA THR C 182 9.18 -35.09 -17.05
CA THR C 182 9.25 -35.12 -17.03
C THR C 182 9.71 -33.72 -17.40
N LYS C 183 10.74 -33.67 -18.19
CA LYS C 183 11.24 -32.43 -18.73
C LYS C 183 11.11 -32.44 -20.24
N GLU C 184 10.76 -31.31 -20.81
CA GLU C 184 10.65 -31.16 -22.24
C GLU C 184 11.47 -29.98 -22.66
N SER C 185 12.03 -30.06 -23.87
CA SER C 185 12.79 -28.97 -24.42
C SER C 185 12.74 -29.03 -25.95
C1 FRU D . 2.32 -7.69 12.21
C2 FRU D . 2.41 -7.70 10.68
C3 FRU D . 3.77 -8.16 10.19
C4 FRU D . 3.95 -7.34 8.90
C5 FRU D . 3.25 -6.06 9.16
C6 FRU D . 2.46 -5.45 7.95
O1 FRU D . 2.47 -6.44 12.85
O2 FRU D . 1.37 -8.57 10.14
O3 FRU D . 3.69 -9.56 9.99
O4 FRU D . 5.34 -7.01 8.79
O5 FRU D . 2.27 -6.38 10.15
O6 FRU D . 1.60 -6.40 7.39
C1 FRU D . 0.56 -7.39 5.52
C2 FRU D . 1.21 -6.12 6.07
C3 FRU D . 0.32 -4.88 5.97
C4 FRU D . 1.24 -3.81 5.40
C5 FRU D . 2.15 -4.62 4.54
C6 FRU D . 3.52 -4.03 4.28
O1 FRU D . 1.49 -8.44 5.36
O3 FRU D . -0.23 -4.55 7.25
O4 FRU D . 0.54 -2.87 4.59
O5 FRU D . 2.33 -5.84 5.26
O6 FRU D . 4.25 -4.94 3.44
C1 FRU E . -20.53 14.29 6.74
C2 FRU E . -19.08 14.53 7.10
C3 FRU E . -18.31 13.81 8.15
C4 FRU E . -17.55 14.83 8.87
C5 FRU E . -18.20 16.11 8.40
C6 FRU E . -17.48 17.43 8.13
O1 FRU E . -21.19 13.56 7.76
O2 FRU E . -18.35 14.06 6.02
O3 FRU E . -17.24 13.24 7.39
O4 FRU E . -17.69 14.66 10.26
O5 FRU E . -18.91 15.88 7.21
O6 FRU E . -16.34 17.51 7.38
C1 FRU E . -14.26 17.78 6.58
C2 FRU E . -15.37 18.31 7.47
C3 FRU E . -15.81 19.73 7.11
C4 FRU E . -16.09 20.40 8.45
C5 FRU E . -15.09 19.70 9.36
C6 FRU E . -15.48 19.48 10.79
O1 FRU E . -13.69 16.60 7.17
O3 FRU E . -16.89 19.72 6.19
O4 FRU E . -15.81 21.78 8.47
O5 FRU E . -14.96 18.39 8.82
O6 FRU E . -14.38 18.87 11.47
C1 FRU F . 15.70 -21.16 8.42
C2 FRU F . 14.84 -21.20 7.18
C3 FRU F . 13.40 -20.83 7.39
C4 FRU F . 12.68 -21.51 6.24
C5 FRU F . 13.43 -22.81 6.15
C6 FRU F . 13.55 -23.48 4.75
O1 FRU F . 15.07 -22.22 8.99
O2 FRU F . 15.64 -20.48 6.24
O3 FRU F . 13.26 -19.44 7.37
O4 FRU F . 11.41 -21.82 6.57
O5 FRU F . 14.71 -22.47 6.58
O6 FRU F . 14.13 -22.63 3.77
C1 FRU F . 14.43 -21.63 1.71
C2 FRU F . 13.98 -22.90 2.40
C3 FRU F . 14.73 -24.15 1.94
C4 FRU F . 13.65 -25.21 1.87
C5 FRU F . 12.43 -24.39 1.50
C6 FRU F . 11.13 -24.96 2.00
O1 FRU F . 13.47 -20.56 1.93
O3 FRU F . 15.84 -24.45 2.79
O4 FRU F . 13.88 -26.19 0.86
O5 FRU F . 12.60 -23.12 2.14
O6 FRU F . 10.09 -24.05 1.56
NA NA G . 15.29 -2.12 1.96
NA NA H . -5.96 15.20 -12.22
NA NA I . -15.96 17.07 22.72
S SO4 J . -26.99 30.58 3.15
O1 SO4 J . -26.34 31.43 4.14
O2 SO4 J . -26.57 29.23 3.44
O3 SO4 J . -26.62 30.89 1.73
O4 SO4 J . -28.43 30.57 3.27
NA NA K . -0.47 -27.10 5.06
#